data_8ZUL
#
_entry.id   8ZUL
#
_cell.length_a   99.801
_cell.length_b   55.834
_cell.length_c   58.633
_cell.angle_alpha   90.0
_cell.angle_beta   90.0
_cell.angle_gamma   90.0
#
_symmetry.space_group_name_H-M   'P 21 21 2'
#
loop_
_entity.id
_entity.type
_entity.pdbx_description
1 polymer 'Membrane-associated tyrosine- and threonine-specific cdc2-inhibitory kinase'
2 non-polymer 2-azanyl-5-[2-[(3~{R})-3-azanylpyrrolidin-1-yl]pyridin-4-yl]-3-(2,6-dimethyl-3-oxidanyl-phenyl)benzamide
3 water water
#
_entity_poly.entity_id   1
_entity_poly.type   'polypeptide(L)'
_entity_poly.pdbx_seq_one_letter_code
;HQLQPRRVSFRGEASETLQSPGYDPSRPESFFQQSFQRLSRLGHGSYGEVFKVRSKEDGRLYAVKRSMSPFRGPKDRARK
LAEVGSHEKVGQHPCCVRLEQAWEEGGILYLQTELCGPSLQQHCEAWGASLPEAQVWGYLRDTLLALAHLHSQGLVHLDV
KPANIFLGPRGRCKLGDFGLLVELGTAGAGEVQEGDPRYMAPELLQGSYGTAADVFSLGLTILEVACNMELPHGGEGWQQ
LRQGYLPPEFTAGLSSELRSVLVMMLEPDPKLRATAEALLALPVLRQ
;
_entity_poly.pdbx_strand_id   A
#
loop_
_chem_comp.id
_chem_comp.type
_chem_comp.name
_chem_comp.formula
A1D84 non-polymer 2-azanyl-5-[2-[(3~{R})-3-azanylpyrrolidin-1-yl]pyridin-4-yl]-3-(2,6-dimethyl-3-oxidanyl-phenyl)benzamide 'C24 H27 N5 O2'
#
# COMPACT_ATOMS: atom_id res chain seq x y z
N HIS A 1 -32.49 3.34 17.81
CA HIS A 1 -32.33 2.25 16.85
C HIS A 1 -31.21 2.52 15.85
N GLN A 2 -30.62 1.45 15.33
CA GLN A 2 -29.50 1.54 14.41
C GLN A 2 -29.81 0.82 13.10
N LEU A 3 -29.54 1.46 11.98
CA LEU A 3 -29.68 0.84 10.67
C LEU A 3 -28.76 -0.40 10.55
N GLN A 4 -29.24 -1.41 9.84
CA GLN A 4 -28.44 -2.59 9.50
C GLN A 4 -27.19 -2.22 8.69
N PRO A 5 -26.13 -3.02 8.82
CA PRO A 5 -24.92 -2.79 8.05
C PRO A 5 -25.23 -2.87 6.57
N ARG A 6 -24.52 -2.08 5.78
CA ARG A 6 -24.75 -2.00 4.35
C ARG A 6 -23.46 -2.36 3.64
N ARG A 7 -23.47 -3.25 2.64
CA ARG A 7 -22.25 -3.49 1.88
C ARG A 7 -21.86 -2.23 1.13
N VAL A 8 -20.56 -1.99 1.04
CA VAL A 8 -20.05 -0.87 0.25
C VAL A 8 -19.35 -1.46 -0.96
N SER A 9 -19.81 -1.09 -2.15
CA SER A 9 -19.20 -1.55 -3.39
C SER A 9 -19.54 -0.59 -4.49
N PHE A 10 -18.63 -0.42 -5.44
CA PHE A 10 -18.88 0.46 -6.57
C PHE A 10 -19.10 -0.31 -7.85
N ARG A 11 -19.30 -1.62 -7.73
CA ARG A 11 -19.49 -2.47 -8.90
C ARG A 11 -20.98 -2.62 -9.25
N GLY A 12 -21.75 -3.27 -8.40
CA GLY A 12 -23.17 -3.46 -8.67
C GLY A 12 -23.91 -4.20 -7.57
N LEU A 18 -26.27 -6.27 4.14
CA LEU A 18 -25.25 -7.30 4.32
C LEU A 18 -25.79 -8.45 5.16
N GLN A 19 -25.66 -9.66 4.63
CA GLN A 19 -26.08 -10.85 5.38
C GLN A 19 -25.02 -11.93 5.25
N SER A 20 -24.79 -12.65 6.35
CA SER A 20 -23.80 -13.70 6.37
C SER A 20 -24.16 -14.73 7.43
N PRO A 21 -23.71 -15.98 7.24
CA PRO A 21 -23.94 -17.05 8.22
C PRO A 21 -23.41 -16.69 9.60
N GLY A 22 -24.30 -16.66 10.59
CA GLY A 22 -23.90 -16.33 11.95
C GLY A 22 -24.16 -14.87 12.32
N TYR A 23 -24.62 -14.07 11.35
CA TYR A 23 -25.02 -12.70 11.64
C TYR A 23 -26.53 -12.59 11.79
N ASP A 24 -26.98 -12.16 12.97
CA ASP A 24 -28.40 -11.97 13.23
C ASP A 24 -28.78 -10.52 13.50
N PRO A 25 -29.44 -9.88 12.51
CA PRO A 25 -29.89 -8.49 12.57
C PRO A 25 -30.74 -8.19 13.80
N SER A 26 -31.42 -9.21 14.33
CA SER A 26 -32.27 -9.08 15.51
C SER A 26 -31.46 -8.82 16.79
N ARG A 27 -30.22 -9.29 16.78
CA ARG A 27 -29.32 -9.11 17.91
C ARG A 27 -28.70 -7.72 17.84
N PRO A 28 -28.47 -7.10 19.00
CA PRO A 28 -28.04 -5.69 19.05
C PRO A 28 -26.65 -5.42 18.48
N GLU A 29 -25.69 -6.31 18.73
CA GLU A 29 -24.30 -5.98 18.45
C GLU A 29 -23.96 -6.02 16.95
N SER A 30 -22.85 -5.38 16.60
CA SER A 30 -22.52 -5.09 15.21
C SER A 30 -22.21 -6.32 14.39
N PHE A 31 -22.25 -6.16 13.08
CA PHE A 31 -21.81 -7.18 12.16
C PHE A 31 -20.35 -7.57 12.48
N PHE A 32 -19.50 -6.58 12.71
CA PHE A 32 -18.12 -6.87 13.06
C PHE A 32 -17.98 -7.69 14.37
N GLN A 33 -18.79 -7.38 15.37
CA GLN A 33 -18.73 -8.12 16.64
C GLN A 33 -19.30 -9.53 16.49
N GLN A 34 -20.34 -9.68 15.68
CA GLN A 34 -21.00 -10.98 15.52
C GLN A 34 -20.31 -11.94 14.53
N SER A 35 -19.67 -11.40 13.51
CA SER A 35 -19.19 -12.21 12.38
C SER A 35 -17.70 -12.53 12.45
N PHE A 36 -17.02 -11.97 13.45
CA PHE A 36 -15.57 -12.16 13.56
C PHE A 36 -15.13 -12.33 15.00
N GLN A 37 -14.07 -13.10 15.16
CA GLN A 37 -13.38 -13.15 16.42
C GLN A 37 -12.14 -12.28 16.31
N ARG A 38 -12.03 -11.29 17.18
CA ARG A 38 -10.90 -10.38 17.19
C ARG A 38 -9.69 -11.05 17.85
N LEU A 39 -8.57 -11.15 17.14
CA LEU A 39 -7.43 -11.90 17.68
C LEU A 39 -6.29 -11.00 18.19
N SER A 40 -6.01 -9.93 17.48
CA SER A 40 -4.98 -8.98 17.91
C SER A 40 -5.15 -7.68 17.17
N ARG A 41 -4.55 -6.61 17.67
CA ARG A 41 -4.58 -5.35 16.94
C ARG A 41 -3.27 -5.20 16.20
N LEU A 42 -3.35 -4.92 14.90
CA LEU A 42 -2.17 -4.82 14.05
C LEU A 42 -1.70 -3.39 13.91
N GLY A 43 -2.61 -2.45 14.13
CA GLY A 43 -2.28 -1.06 13.95
C GLY A 43 -3.39 -0.14 14.38
N HIS A 44 -3.03 1.06 14.81
CA HIS A 44 -3.99 2.07 15.23
C HIS A 44 -3.39 3.44 14.94
N GLY A 45 -4.23 4.36 14.49
CA GLY A 45 -3.81 5.71 14.18
C GLY A 45 -5.06 6.56 14.02
N SER A 46 -4.91 7.74 13.41
CA SER A 46 -6.06 8.58 13.12
C SER A 46 -6.91 7.93 12.02
N TYR A 47 -6.29 7.09 11.20
CA TYR A 47 -7.00 6.33 10.17
C TYR A 47 -7.91 5.24 10.75
N GLY A 48 -7.88 5.07 12.06
CA GLY A 48 -8.64 4.01 12.70
C GLY A 48 -7.75 2.87 13.15
N GLU A 49 -8.28 1.65 13.07
CA GLU A 49 -7.62 0.51 13.65
C GLU A 49 -7.67 -0.68 12.70
N VAL A 50 -6.63 -1.49 12.73
CA VAL A 50 -6.59 -2.73 11.98
C VAL A 50 -6.48 -3.91 12.93
N PHE A 51 -7.35 -4.90 12.73
CA PHE A 51 -7.37 -6.09 13.59
C PHE A 51 -7.10 -7.34 12.78
N LYS A 52 -6.38 -8.28 13.39
CA LYS A 52 -6.31 -9.64 12.85
C LYS A 52 -7.56 -10.35 13.35
N VAL A 53 -8.33 -10.96 12.46
CA VAL A 53 -9.57 -11.64 12.92
C VAL A 53 -9.70 -13.03 12.34
N ARG A 54 -10.61 -13.83 12.90
CA ARG A 54 -11.04 -15.05 12.25
C ARG A 54 -12.50 -14.84 11.88
N SER A 55 -12.85 -15.24 10.66
CA SER A 55 -14.20 -15.13 10.16
C SER A 55 -15.09 -16.29 10.60
N LYS A 56 -16.26 -15.95 11.10
CA LYS A 56 -17.25 -16.97 11.49
C LYS A 56 -17.84 -17.62 10.25
N GLU A 57 -17.86 -16.89 9.15
CA GLU A 57 -18.43 -17.42 7.92
C GLU A 57 -17.66 -18.60 7.34
N ASP A 58 -16.32 -18.52 7.32
CA ASP A 58 -15.53 -19.55 6.66
C ASP A 58 -14.36 -20.08 7.51
N GLY A 59 -14.14 -19.47 8.68
CA GLY A 59 -13.20 -20.00 9.65
C GLY A 59 -11.77 -19.59 9.38
N ARG A 60 -11.58 -18.71 8.40
CA ARG A 60 -10.25 -18.34 7.95
C ARG A 60 -9.80 -17.02 8.55
N LEU A 61 -8.48 -16.77 8.54
CA LEU A 61 -7.94 -15.53 9.06
C LEU A 61 -8.01 -14.41 8.03
N TYR A 62 -8.27 -13.19 8.49
CA TYR A 62 -8.35 -11.98 7.68
C TYR A 62 -7.86 -10.80 8.47
N ALA A 63 -7.72 -9.65 7.81
CA ALA A 63 -7.50 -8.40 8.52
C ALA A 63 -8.71 -7.50 8.26
N VAL A 64 -9.07 -6.72 9.27
CA VAL A 64 -10.17 -5.76 9.12
C VAL A 64 -9.75 -4.40 9.61
N LYS A 65 -9.87 -3.40 8.73
CA LYS A 65 -9.61 -2.03 9.07
C LYS A 65 -10.93 -1.32 9.29
N ARG A 66 -11.05 -0.62 10.41
CA ARG A 66 -12.26 0.15 10.65
C ARG A 66 -11.86 1.58 10.92
N SER A 67 -12.70 2.50 10.44
CA SER A 67 -12.44 3.91 10.68
C SER A 67 -12.66 4.23 12.15
N MET A 68 -12.08 5.35 12.58
CA MET A 68 -12.01 5.73 13.98
C MET A 68 -13.27 6.42 14.49
N SER A 69 -13.90 7.24 13.66
CA SER A 69 -15.08 8.00 14.11
C SER A 69 -16.16 8.06 13.05
N PRO A 70 -17.43 8.15 13.48
CA PRO A 70 -18.51 8.17 12.48
C PRO A 70 -18.34 9.30 11.44
N PHE A 71 -18.87 9.07 10.25
CA PHE A 71 -18.91 10.07 9.20
C PHE A 71 -19.43 11.41 9.75
N ARG A 72 -18.79 12.51 9.37
CA ARG A 72 -19.21 13.82 9.86
C ARG A 72 -20.26 14.48 8.95
N GLY A 73 -20.38 14.00 7.71
CA GLY A 73 -21.27 14.62 6.75
C GLY A 73 -21.20 13.80 5.48
N PRO A 74 -22.05 14.12 4.48
CA PRO A 74 -22.08 13.33 3.23
C PRO A 74 -20.77 13.31 2.47
N LYS A 75 -20.02 14.42 2.45
CA LYS A 75 -18.74 14.47 1.73
C LYS A 75 -17.65 13.65 2.41
N ASP A 76 -17.59 13.74 3.73
CA ASP A 76 -16.70 12.89 4.52
C ASP A 76 -16.98 11.41 4.25
N ARG A 77 -18.26 11.04 4.28
CA ARG A 77 -18.63 9.68 3.93
C ARG A 77 -18.19 9.28 2.52
N ALA A 78 -18.50 10.13 1.54
CA ALA A 78 -18.13 9.88 0.15
C ALA A 78 -16.63 9.65 0.01
N ARG A 79 -15.83 10.49 0.67
CA ARG A 79 -14.38 10.39 0.56
C ARG A 79 -13.84 9.14 1.22
N LYS A 80 -14.42 8.73 2.34
CA LYS A 80 -13.97 7.50 2.98
C LYS A 80 -14.38 6.27 2.15
N LEU A 81 -15.61 6.26 1.63
CA LEU A 81 -16.04 5.10 0.87
C LEU A 81 -15.26 4.94 -0.43
N ALA A 82 -14.73 6.05 -0.94
CA ALA A 82 -13.97 6.04 -2.18
C ALA A 82 -12.78 5.07 -2.15
N GLU A 83 -12.20 4.87 -0.97
CA GLU A 83 -11.12 3.90 -0.83
C GLU A 83 -11.56 2.54 -1.33
N VAL A 84 -12.80 2.14 -1.01
CA VAL A 84 -13.29 0.84 -1.45
C VAL A 84 -13.35 0.76 -2.98
N GLY A 85 -13.82 1.84 -3.62
CA GLY A 85 -13.89 1.86 -5.07
C GLY A 85 -12.50 1.70 -5.67
N SER A 86 -11.53 2.44 -5.13
CA SER A 86 -10.14 2.33 -5.58
C SER A 86 -9.61 0.92 -5.39
N HIS A 87 -9.89 0.31 -4.24
CA HIS A 87 -9.38 -1.01 -3.94
C HIS A 87 -10.03 -2.05 -4.85
N GLU A 88 -11.31 -1.86 -5.14
CA GLU A 88 -11.99 -2.75 -6.06
C GLU A 88 -11.41 -2.66 -7.46
N LYS A 89 -10.92 -1.48 -7.85
CA LYS A 89 -10.28 -1.33 -9.16
C LYS A 89 -9.00 -2.16 -9.25
N VAL A 90 -8.31 -2.32 -8.13
CA VAL A 90 -7.10 -3.15 -8.05
C VAL A 90 -7.42 -4.65 -8.19
N GLY A 91 -8.49 -5.10 -7.53
CA GLY A 91 -8.95 -6.47 -7.73
C GLY A 91 -8.03 -7.54 -7.16
N GLN A 92 -7.96 -8.69 -7.84
CA GLN A 92 -7.11 -9.80 -7.40
C GLN A 92 -5.78 -9.81 -8.15
N HIS A 93 -4.70 -9.81 -7.39
CA HIS A 93 -3.35 -9.91 -7.94
C HIS A 93 -2.45 -10.42 -6.80
N PRO A 94 -1.56 -11.38 -7.09
CA PRO A 94 -0.78 -11.98 -6.00
C PRO A 94 0.13 -11.00 -5.24
N CYS A 95 0.41 -9.84 -5.84
CA CYS A 95 1.29 -8.85 -5.21
C CYS A 95 0.54 -7.61 -4.72
N CYS A 96 -0.78 -7.72 -4.62
CA CYS A 96 -1.61 -6.63 -4.11
C CYS A 96 -2.51 -7.16 -2.99
N VAL A 97 -2.67 -6.38 -1.93
CA VAL A 97 -3.54 -6.81 -0.83
C VAL A 97 -4.98 -6.94 -1.35
N ARG A 98 -5.59 -8.10 -1.18
CA ARG A 98 -6.89 -8.36 -1.77
C ARG A 98 -8.02 -8.00 -0.82
N LEU A 99 -8.93 -7.16 -1.29
CA LEU A 99 -10.16 -6.85 -0.56
C LEU A 99 -11.18 -7.99 -0.66
N GLU A 100 -11.68 -8.43 0.49
CA GLU A 100 -12.71 -9.49 0.47
C GLU A 100 -14.09 -8.85 0.40
N GLN A 101 -14.37 -7.91 1.31
CA GLN A 101 -15.65 -7.18 1.32
C GLN A 101 -15.47 -5.95 2.22
N ALA A 102 -16.37 -4.99 2.04
CA ALA A 102 -16.42 -3.78 2.85
C ALA A 102 -17.85 -3.47 3.24
N TRP A 103 -18.05 -2.79 4.35
CA TRP A 103 -19.40 -2.46 4.76
C TRP A 103 -19.37 -1.26 5.66
N GLU A 104 -20.53 -0.64 5.82
CA GLU A 104 -20.63 0.49 6.74
C GLU A 104 -21.70 0.16 7.76
N GLU A 105 -21.45 0.51 9.00
CA GLU A 105 -22.42 0.32 10.07
C GLU A 105 -22.14 1.35 11.14
N GLY A 106 -23.20 2.02 11.61
CA GLY A 106 -23.05 3.02 12.65
C GLY A 106 -22.14 4.17 12.26
N GLY A 107 -22.07 4.45 10.96
CA GLY A 107 -21.23 5.54 10.45
C GLY A 107 -19.75 5.19 10.37
N ILE A 108 -19.43 3.91 10.59
CA ILE A 108 -18.06 3.39 10.55
C ILE A 108 -17.84 2.56 9.29
N LEU A 109 -16.71 2.76 8.62
CA LEU A 109 -16.39 1.98 7.43
C LEU A 109 -15.42 0.86 7.77
N TYR A 110 -15.73 -0.34 7.30
CA TYR A 110 -14.92 -1.53 7.53
C TYR A 110 -14.42 -2.08 6.21
N LEU A 111 -13.11 -2.37 6.11
CA LEU A 111 -12.58 -3.11 4.97
C LEU A 111 -11.97 -4.41 5.46
N GLN A 112 -12.48 -5.51 4.94
CA GLN A 112 -11.94 -6.81 5.25
C GLN A 112 -11.05 -7.26 4.11
N THR A 113 -9.79 -7.55 4.41
CA THR A 113 -8.88 -8.06 3.39
C THR A 113 -8.27 -9.39 3.80
N GLU A 114 -7.54 -10.00 2.88
CA GLU A 114 -6.68 -11.11 3.24
C GLU A 114 -5.72 -10.65 4.35
N LEU A 115 -5.32 -11.60 5.20
CA LEU A 115 -4.34 -11.31 6.26
C LEU A 115 -2.94 -11.43 5.70
N CYS A 116 -2.17 -10.37 5.89
CA CYS A 116 -0.77 -10.34 5.46
C CYS A 116 0.17 -10.30 6.66
N GLY A 117 1.47 -10.42 6.41
CA GLY A 117 2.42 -10.37 7.51
C GLY A 117 2.77 -8.93 7.83
N PRO A 118 3.86 -8.73 8.57
CA PRO A 118 4.40 -7.39 8.90
C PRO A 118 4.69 -6.57 7.68
N SER A 119 4.57 -5.25 7.80
CA SER A 119 5.04 -4.36 6.77
C SER A 119 6.55 -4.46 6.67
N LEU A 120 7.05 -4.05 5.52
CA LEU A 120 8.48 -3.94 5.29
C LEU A 120 9.12 -3.03 6.32
N GLN A 121 8.42 -1.96 6.70
CA GLN A 121 8.91 -1.09 7.76
C GLN A 121 9.13 -1.86 9.08
N GLN A 122 8.13 -2.64 9.50
CA GLN A 122 8.27 -3.42 10.72
C GLN A 122 9.35 -4.49 10.59
N HIS A 123 9.37 -5.14 9.43
CA HIS A 123 10.35 -6.17 9.15
C HIS A 123 11.77 -5.63 9.27
N CYS A 124 12.01 -4.43 8.76
CA CYS A 124 13.31 -3.80 8.88
C CYS A 124 13.64 -3.47 10.32
N GLU A 125 12.69 -2.88 11.02
CA GLU A 125 12.91 -2.44 12.39
C GLU A 125 13.29 -3.60 13.32
N ALA A 126 12.84 -4.80 13.00
CA ALA A 126 13.08 -5.91 13.91
C ALA A 126 14.07 -6.92 13.34
N TRP A 127 14.70 -6.58 12.23
CA TRP A 127 15.83 -7.35 11.73
C TRP A 127 17.08 -7.05 12.55
N ALA A 129 18.29 -4.06 11.60
CA ALA A 129 19.41 -3.66 10.76
C ALA A 129 19.14 -3.90 9.26
N SER A 130 20.20 -3.88 8.46
CA SER A 130 20.09 -4.00 7.01
C SER A 130 19.83 -5.43 6.53
N LEU A 131 18.84 -5.57 5.66
CA LEU A 131 18.39 -6.86 5.16
C LEU A 131 19.37 -7.53 4.19
N PRO A 132 19.39 -8.89 4.18
CA PRO A 132 20.14 -9.63 3.17
C PRO A 132 19.67 -9.22 1.77
N GLU A 133 20.58 -9.00 0.84
CA GLU A 133 20.13 -8.42 -0.43
C GLU A 133 19.23 -9.36 -1.22
N ALA A 134 19.42 -10.68 -1.06
CA ALA A 134 18.52 -11.62 -1.71
C ALA A 134 17.05 -11.34 -1.39
N GLN A 135 16.76 -10.99 -0.14
CA GLN A 135 15.39 -10.63 0.23
C GLN A 135 14.91 -9.34 -0.40
N VAL A 136 15.81 -8.34 -0.45
CA VAL A 136 15.49 -7.05 -1.05
C VAL A 136 15.14 -7.19 -2.53
N TRP A 137 15.89 -8.02 -3.26
CA TRP A 137 15.56 -8.30 -4.65
C TRP A 137 14.15 -8.87 -4.82
N GLY A 138 13.76 -9.78 -3.93
CA GLY A 138 12.40 -10.31 -3.91
C GLY A 138 11.35 -9.25 -3.67
N TYR A 139 11.56 -8.38 -2.70
CA TYR A 139 10.60 -7.30 -2.43
C TYR A 139 10.48 -6.34 -3.62
N LEU A 140 11.62 -6.01 -4.22
CA LEU A 140 11.63 -5.14 -5.37
C LEU A 140 10.83 -5.76 -6.52
N ARG A 141 11.08 -7.05 -6.79
CA ARG A 141 10.43 -7.72 -7.91
C ARG A 141 8.91 -7.80 -7.69
N ASP A 142 8.51 -8.25 -6.50
CA ASP A 142 7.08 -8.36 -6.22
C ASP A 142 6.37 -7.02 -6.31
N THR A 143 6.97 -5.97 -5.73
CA THR A 143 6.29 -4.69 -5.77
C THR A 143 6.31 -4.10 -7.18
N LEU A 144 7.35 -4.38 -7.98
CA LEU A 144 7.28 -4.06 -9.40
C LEU A 144 6.10 -4.75 -10.14
N LEU A 145 5.84 -6.01 -9.81
CA LEU A 145 4.71 -6.71 -10.42
C LEU A 145 3.41 -6.02 -10.03
N ALA A 146 3.34 -5.56 -8.78
CA ALA A 146 2.17 -4.80 -8.32
C ALA A 146 2.00 -3.52 -9.11
N LEU A 147 3.08 -2.76 -9.30
CA LEU A 147 3.01 -1.54 -10.10
C LEU A 147 2.65 -1.78 -11.57
N ALA A 148 3.18 -2.83 -12.18
CA ALA A 148 2.75 -3.15 -13.55
C ALA A 148 1.26 -3.42 -13.56
N HIS A 149 0.77 -4.11 -12.53
CA HIS A 149 -0.66 -4.41 -12.48
C HIS A 149 -1.46 -3.11 -12.33
N LEU A 150 -1.07 -2.25 -11.40
CA LEU A 150 -1.79 -0.98 -11.19
C LEU A 150 -1.86 -0.16 -12.46
N HIS A 151 -0.71 0.01 -13.08
CA HIS A 151 -0.59 0.80 -14.29
C HIS A 151 -1.45 0.22 -15.43
N SER A 152 -1.56 -1.11 -15.52
CA SER A 152 -2.48 -1.73 -16.49
C SER A 152 -3.93 -1.32 -16.24
N GLN A 153 -4.24 -0.99 -15.00
CA GLN A 153 -5.60 -0.61 -14.68
C GLN A 153 -5.76 0.92 -14.74
N GLY A 154 -4.72 1.60 -15.23
CA GLY A 154 -4.71 3.04 -15.33
C GLY A 154 -4.66 3.69 -13.94
N LEU A 155 -3.96 3.03 -13.02
CA LEU A 155 -3.90 3.49 -11.63
C LEU A 155 -2.51 3.82 -11.17
N VAL A 156 -2.38 4.83 -10.32
CA VAL A 156 -1.08 5.21 -9.77
C VAL A 156 -1.20 5.28 -8.26
N HIS A 157 -0.29 4.59 -7.56
CA HIS A 157 -0.25 4.62 -6.10
C HIS A 157 0.61 5.83 -5.72
N LEU A 158 0.05 6.78 -5.03
CA LEU A 158 0.85 7.92 -4.72
C LEU A 158 1.47 7.87 -3.34
N ASP A 159 1.52 6.69 -2.73
CA ASP A 159 2.20 6.58 -1.44
C ASP A 159 2.87 5.23 -1.23
N VAL A 160 3.71 4.84 -2.20
CA VAL A 160 4.49 3.62 -2.05
C VAL A 160 5.58 3.93 -1.02
N LYS A 161 5.65 3.10 0.02
CA LYS A 161 6.62 3.30 1.11
C LYS A 161 6.71 2.00 1.88
N PRO A 162 7.78 1.82 2.68
CA PRO A 162 7.91 0.58 3.48
C PRO A 162 6.68 0.20 4.30
N ALA A 163 5.96 1.18 4.83
CA ALA A 163 4.81 0.89 5.68
C ALA A 163 3.62 0.33 4.91
N ASN A 164 3.64 0.49 3.58
CA ASN A 164 2.49 0.05 2.77
C ASN A 164 2.77 -1.20 1.95
N ILE A 165 3.84 -1.91 2.30
CA ILE A 165 4.19 -3.16 1.63
C ILE A 165 4.27 -4.23 2.70
N PHE A 166 3.55 -5.34 2.48
CA PHE A 166 3.32 -6.33 3.50
C PHE A 166 3.87 -7.68 3.10
N LEU A 167 4.56 -8.31 4.05
CA LEU A 167 5.24 -9.56 3.76
C LEU A 167 4.25 -10.72 3.70
N GLY A 168 4.18 -11.36 2.53
CA GLY A 168 3.26 -12.45 2.32
C GLY A 168 3.97 -13.77 2.57
N PRO A 169 3.54 -14.82 1.88
CA PRO A 169 4.12 -16.14 2.07
C PRO A 169 5.48 -16.31 1.39
N ARG A 170 6.47 -16.82 2.12
CA ARG A 170 7.75 -17.23 1.53
C ARG A 170 8.51 -16.15 0.75
N GLY A 171 8.82 -15.04 1.43
CA GLY A 171 9.61 -14.00 0.82
C GLY A 171 8.83 -13.12 -0.14
N ARG A 172 7.51 -13.32 -0.23
CA ARG A 172 6.70 -12.48 -1.12
C ARG A 172 6.24 -11.19 -0.42
N CYS A 173 5.99 -10.13 -1.20
CA CYS A 173 5.64 -8.74 -0.80
C CYS A 173 4.25 -8.52 -1.43
N LYS A 174 3.33 -7.88 -0.70
CA LYS A 174 2.13 -7.30 -1.33
C LYS A 174 1.97 -5.84 -1.04
N LEU A 175 1.67 -5.06 -2.09
CA LEU A 175 1.42 -3.63 -1.94
C LEU A 175 0.00 -3.39 -1.45
N GLY A 176 -0.18 -2.48 -0.49
CA GLY A 176 -1.54 -2.18 -0.03
C GLY A 176 -1.79 -0.70 0.20
N ASP A 177 -2.86 -0.40 0.94
CA ASP A 177 -3.33 0.94 1.26
C ASP A 177 -3.61 1.72 0.00
N PHE A 178 -4.76 1.45 -0.59
CA PHE A 178 -5.11 2.05 -1.86
C PHE A 178 -5.96 3.29 -1.68
N GLY A 179 -5.92 3.86 -0.49
CA GLY A 179 -6.55 5.13 -0.23
C GLY A 179 -5.92 6.30 -0.99
N LEU A 180 -4.66 6.16 -1.40
CA LEU A 180 -4.00 7.23 -2.16
C LEU A 180 -3.68 6.78 -3.57
N LEU A 181 -4.55 5.96 -4.12
CA LEU A 181 -4.50 5.57 -5.50
C LEU A 181 -5.22 6.64 -6.31
N VAL A 182 -4.67 7.01 -7.47
CA VAL A 182 -5.39 7.89 -8.40
C VAL A 182 -5.52 7.20 -9.74
N GLU A 183 -6.55 7.58 -10.50
CA GLU A 183 -6.74 7.01 -11.81
C GLU A 183 -6.22 8.00 -12.87
N LEU A 184 -5.62 7.46 -13.93
CA LEU A 184 -5.12 8.27 -15.04
C LEU A 184 -6.24 8.80 -15.90
N GLY A 188 -11.49 12.98 -13.62
CA GLY A 188 -10.05 13.02 -13.76
C GLY A 188 -9.31 12.20 -12.71
N ALA A 189 -8.35 12.84 -12.03
CA ALA A 189 -7.55 12.15 -11.03
C ALA A 189 -8.39 11.67 -9.85
N GLY A 190 -9.16 12.57 -9.26
CA GLY A 190 -9.89 12.29 -8.04
C GLY A 190 -9.17 12.87 -6.84
N GLU A 191 -9.88 13.05 -5.73
CA GLU A 191 -9.31 13.61 -4.52
C GLU A 191 -8.26 12.69 -3.90
N VAL A 192 -7.23 13.27 -3.30
CA VAL A 192 -6.13 12.47 -2.73
C VAL A 192 -5.40 13.23 -1.60
N GLN A 193 -4.84 12.49 -0.65
CA GLN A 193 -4.10 13.07 0.46
C GLN A 193 -2.62 13.23 0.12
N GLU A 194 -1.84 13.72 1.07
CA GLU A 194 -0.42 13.99 0.86
C GLU A 194 0.46 12.74 1.11
N GLY A 195 1.13 12.26 0.07
CA GLY A 195 2.08 11.15 0.21
C GLY A 195 3.29 11.55 1.04
N ASP A 196 4.01 10.57 1.56
CA ASP A 196 5.17 10.81 2.43
C ASP A 196 6.24 11.53 1.61
N PRO A 197 6.70 12.70 2.08
CA PRO A 197 7.66 13.44 1.24
C PRO A 197 8.99 12.72 1.05
N ARG A 198 9.34 11.83 1.97
CA ARG A 198 10.62 11.12 1.83
C ARG A 198 10.72 10.34 0.52
N TYR A 199 9.59 9.82 0.04
CA TYR A 199 9.59 8.95 -1.14
C TYR A 199 8.98 9.59 -2.36
N MET A 200 8.67 10.87 -2.29
CA MET A 200 7.92 11.52 -3.34
C MET A 200 8.74 11.78 -4.60
N ALA A 201 8.19 11.47 -5.77
CA ALA A 201 8.85 11.77 -7.05
C ALA A 201 8.91 13.28 -7.24
N PRO A 202 10.02 13.78 -7.83
CA PRO A 202 10.20 15.24 -7.83
C PRO A 202 9.14 15.96 -8.65
N GLU A 203 8.61 15.32 -9.69
CA GLU A 203 7.59 15.98 -10.51
C GLU A 203 6.28 16.27 -9.76
N LEU A 204 6.02 15.56 -8.66
CA LEU A 204 4.79 15.79 -7.87
C LEU A 204 4.78 17.17 -7.18
N LEU A 205 5.95 17.77 -7.00
CA LEU A 205 5.99 19.15 -6.51
C LEU A 205 5.17 20.08 -7.39
N GLN A 206 5.11 19.76 -8.69
CA GLN A 206 4.42 20.60 -9.65
C GLN A 206 3.05 20.01 -9.96
N GLY A 207 2.66 19.03 -9.16
CA GLY A 207 1.37 18.37 -9.30
C GLY A 207 1.31 17.42 -10.48
N SER A 208 2.46 17.13 -11.08
CA SER A 208 2.48 16.22 -12.23
C SER A 208 2.61 14.79 -11.76
N TYR A 209 1.78 13.91 -12.30
CA TYR A 209 1.87 12.52 -11.89
C TYR A 209 1.64 11.62 -13.09
N GLY A 210 1.97 10.35 -12.90
CA GLY A 210 1.78 9.39 -13.96
C GLY A 210 2.37 8.11 -13.44
N THR A 211 2.43 7.09 -14.29
CA THR A 211 2.87 5.79 -13.83
C THR A 211 4.31 5.83 -13.36
N ALA A 212 5.06 6.82 -13.82
CA ALA A 212 6.45 6.89 -13.38
C ALA A 212 6.61 7.29 -11.92
N ALA A 213 5.61 7.95 -11.33
CA ALA A 213 5.79 8.47 -9.97
C ALA A 213 5.96 7.31 -8.95
N ASP A 214 5.21 6.23 -9.16
CA ASP A 214 5.29 5.02 -8.33
C ASP A 214 6.63 4.36 -8.40
N VAL A 215 7.16 4.30 -9.60
CA VAL A 215 8.47 3.66 -9.78
C VAL A 215 9.55 4.40 -8.97
N PHE A 216 9.48 5.72 -8.98
CA PHE A 216 10.44 6.53 -8.25
C PHE A 216 10.29 6.25 -6.75
N SER A 217 9.06 6.25 -6.26
CA SER A 217 8.80 6.00 -4.83
C SER A 217 9.28 4.61 -4.42
N LEU A 218 9.04 3.62 -5.27
CA LEU A 218 9.54 2.27 -4.98
C LEU A 218 11.07 2.25 -4.98
N GLY A 219 11.69 3.02 -5.86
CA GLY A 219 13.14 3.11 -5.79
C GLY A 219 13.66 3.60 -4.44
N LEU A 220 13.06 4.65 -3.89
CA LEU A 220 13.55 5.15 -2.59
C LEU A 220 13.11 4.23 -1.45
N THR A 221 11.97 3.57 -1.64
CA THR A 221 11.52 2.57 -0.65
C THR A 221 12.56 1.47 -0.49
N ILE A 222 12.99 0.95 -1.64
CA ILE A 222 13.94 -0.14 -1.63
C ILE A 222 15.31 0.37 -1.19
N LEU A 223 15.66 1.58 -1.64
CA LEU A 223 16.92 2.15 -1.16
C LEU A 223 16.93 2.18 0.36
N GLU A 224 15.84 2.67 0.94
CA GLU A 224 15.78 2.82 2.39
C GLU A 224 15.89 1.49 3.12
N VAL A 225 15.18 0.47 2.65
CA VAL A 225 15.20 -0.81 3.35
C VAL A 225 16.53 -1.53 3.15
N ALA A 226 17.17 -1.27 2.01
CA ALA A 226 18.44 -1.94 1.71
C ALA A 226 19.60 -1.34 2.50
N CYS A 227 19.56 -0.04 2.76
CA CYS A 227 20.67 0.63 3.46
C CYS A 227 20.38 0.90 4.96
N ASN A 228 19.14 0.68 5.36
CA ASN A 228 18.66 0.96 6.72
C ASN A 228 18.97 2.36 7.28
N MET A 229 18.80 3.38 6.46
CA MET A 229 19.03 4.76 6.89
C MET A 229 17.82 5.63 6.59
N GLU A 230 17.53 6.60 7.46
CA GLU A 230 16.39 7.48 7.23
C GLU A 230 16.65 8.39 6.02
N LEU A 231 15.67 8.47 5.13
CA LEU A 231 15.74 9.42 4.01
C LEU A 231 15.29 10.80 4.46
N PRO A 232 15.86 11.85 3.85
CA PRO A 232 15.47 13.22 4.23
C PRO A 232 14.03 13.57 3.79
N HIS A 233 13.33 14.35 4.61
CA HIS A 233 11.98 14.73 4.25
C HIS A 233 11.95 16.10 3.55
N GLY A 234 13.10 16.74 3.40
CA GLY A 234 13.19 18.02 2.72
C GLY A 234 14.61 18.57 2.77
N GLY A 235 14.80 19.78 2.27
CA GLY A 235 16.10 20.43 2.33
C GLY A 235 17.08 19.86 1.32
N GLU A 236 18.36 20.16 1.52
CA GLU A 236 19.35 19.80 0.51
C GLU A 236 19.46 18.31 0.31
N GLY A 237 19.29 17.52 1.38
CA GLY A 237 19.41 16.08 1.25
C GLY A 237 18.31 15.52 0.36
N TRP A 238 17.14 16.11 0.45
CA TRP A 238 16.00 15.69 -0.36
C TRP A 238 16.28 15.99 -1.83
N GLN A 239 16.83 17.16 -2.11
CA GLN A 239 17.15 17.50 -3.49
C GLN A 239 18.23 16.59 -4.03
N GLN A 240 19.22 16.24 -3.20
CA GLN A 240 20.36 15.47 -3.72
C GLN A 240 20.06 13.98 -3.93
N LEU A 241 18.88 13.52 -3.51
CA LEU A 241 18.40 12.21 -3.94
C LEU A 241 17.64 12.28 -5.25
N ARG A 242 17.47 13.49 -5.79
CA ARG A 242 16.63 13.67 -6.97
C ARG A 242 17.40 14.31 -8.13
N GLN A 243 18.69 13.97 -8.21
CA GLN A 243 19.60 14.51 -9.21
C GLN A 243 20.03 13.50 -10.26
N GLY A 244 19.68 12.24 -10.06
CA GLY A 244 20.10 11.20 -10.98
C GLY A 244 21.35 10.43 -10.57
N TYR A 245 21.76 10.53 -9.32
CA TYR A 245 22.85 9.71 -8.82
C TYR A 245 22.50 9.25 -7.43
N LEU A 246 23.19 8.24 -6.92
CA LEU A 246 23.01 7.81 -5.54
C LEU A 246 24.07 8.40 -4.64
N PRO A 247 23.65 9.21 -3.65
CA PRO A 247 24.66 9.73 -2.74
C PRO A 247 25.34 8.58 -2.00
N PRO A 248 26.68 8.61 -1.92
CA PRO A 248 27.47 7.57 -1.26
C PRO A 248 27.01 7.25 0.16
N GLU A 249 26.44 8.26 0.83
CA GLU A 249 25.91 8.13 2.19
C GLU A 249 25.01 6.91 2.31
N PHE A 250 24.23 6.66 1.26
CA PHE A 250 23.21 5.60 1.24
C PHE A 250 23.61 4.27 0.58
N THR A 251 24.85 4.16 0.11
CA THR A 251 25.15 3.06 -0.80
C THR A 251 26.14 2.08 -0.22
N ALA A 252 26.58 2.35 1.00
CA ALA A 252 27.53 1.47 1.66
C ALA A 252 26.92 0.07 1.76
N GLY A 253 27.64 -0.91 1.24
CA GLY A 253 27.16 -2.28 1.29
C GLY A 253 26.14 -2.67 0.26
N LEU A 254 25.76 -1.74 -0.62
CA LEU A 254 24.85 -2.11 -1.71
C LEU A 254 25.65 -2.69 -2.86
N SER A 255 25.15 -3.76 -3.46
CA SER A 255 25.88 -4.39 -4.56
C SER A 255 25.85 -3.47 -5.76
N SER A 256 26.81 -3.62 -6.67
CA SER A 256 26.76 -2.86 -7.91
C SER A 256 25.45 -3.14 -8.67
N GLU A 257 25.01 -4.38 -8.66
CA GLU A 257 23.77 -4.75 -9.36
C GLU A 257 22.58 -3.99 -8.82
N LEU A 258 22.44 -3.94 -7.50
CA LEU A 258 21.27 -3.25 -6.95
C LEU A 258 21.36 -1.75 -7.18
N ARG A 259 22.55 -1.18 -7.00
CA ARG A 259 22.73 0.23 -7.26
C ARG A 259 22.28 0.63 -8.67
N SER A 260 22.61 -0.18 -9.67
CA SER A 260 22.32 0.22 -11.04
C SER A 260 20.83 0.20 -11.34
N VAL A 261 20.12 -0.77 -10.75
CA VAL A 261 18.68 -0.82 -10.93
C VAL A 261 18.04 0.34 -10.21
N LEU A 262 18.51 0.66 -8.99
CA LEU A 262 17.93 1.78 -8.26
C LEU A 262 18.12 3.10 -9.03
N VAL A 263 19.28 3.28 -9.65
CA VAL A 263 19.51 4.55 -10.35
C VAL A 263 18.61 4.67 -11.59
N MET A 264 18.27 3.54 -12.21
CA MET A 264 17.26 3.56 -13.26
C MET A 264 15.91 4.03 -12.76
N MET A 265 15.54 3.62 -11.53
CA MET A 265 14.25 3.97 -10.97
C MET A 265 14.21 5.40 -10.44
N LEU A 266 15.39 5.95 -10.16
CA LEU A 266 15.44 7.27 -9.52
C LEU A 266 15.74 8.40 -10.49
N GLU A 267 15.72 8.11 -11.78
CA GLU A 267 15.81 9.16 -12.82
C GLU A 267 14.80 10.31 -12.56
N PRO A 268 15.31 11.56 -12.44
CA PRO A 268 14.41 12.65 -12.06
C PRO A 268 13.39 13.02 -13.14
N ASP A 269 13.77 12.84 -14.40
CA ASP A 269 12.86 13.16 -15.50
C ASP A 269 11.93 11.97 -15.69
N PRO A 270 10.65 12.16 -15.42
CA PRO A 270 9.76 10.99 -15.49
C PRO A 270 9.62 10.43 -16.91
N LYS A 271 9.92 11.22 -17.94
CA LYS A 271 9.85 10.70 -19.32
C LYS A 271 10.97 9.74 -19.61
N LEU A 272 12.06 9.86 -18.85
CA LEU A 272 13.24 9.03 -19.04
C LEU A 272 13.25 7.84 -18.09
N ARG A 273 12.44 7.90 -17.04
CA ARG A 273 12.53 6.94 -15.94
C ARG A 273 12.07 5.57 -16.46
N ALA A 274 12.71 4.49 -16.02
CA ALA A 274 12.35 3.14 -16.44
C ALA A 274 10.92 2.83 -16.04
N THR A 275 10.21 2.08 -16.90
CA THR A 275 8.86 1.60 -16.56
C THR A 275 8.93 0.33 -15.74
N ALA A 276 7.86 -0.01 -15.02
CA ALA A 276 7.91 -1.26 -14.24
C ALA A 276 8.21 -2.45 -15.13
N GLU A 277 7.60 -2.46 -16.32
CA GLU A 277 7.74 -3.60 -17.21
C GLU A 277 9.16 -3.68 -17.75
N ALA A 278 9.77 -2.51 -17.97
CA ALA A 278 11.14 -2.50 -18.47
C ALA A 278 12.10 -3.07 -17.41
N LEU A 279 11.88 -2.67 -16.17
CA LEU A 279 12.64 -3.19 -15.05
C LEU A 279 12.43 -4.71 -14.88
N LEU A 280 11.18 -5.15 -14.95
CA LEU A 280 10.90 -6.57 -14.83
C LEU A 280 11.53 -7.42 -15.95
N ALA A 281 11.80 -6.80 -17.10
CA ALA A 281 12.44 -7.49 -18.22
C ALA A 281 13.98 -7.62 -18.10
N LEU A 282 14.57 -6.98 -17.09
CA LEU A 282 16.02 -7.09 -16.89
C LEU A 282 16.38 -8.49 -16.44
N PRO A 283 17.49 -9.02 -16.96
CA PRO A 283 17.96 -10.36 -16.59
C PRO A 283 18.06 -10.53 -15.08
N VAL A 284 18.40 -9.45 -14.37
CA VAL A 284 18.63 -9.53 -12.94
C VAL A 284 17.31 -9.77 -12.21
N LEU A 285 16.20 -9.39 -12.83
CA LEU A 285 14.90 -9.57 -12.18
C LEU A 285 14.10 -10.75 -12.75
N ARG A 286 14.72 -11.54 -13.60
CA ARG A 286 14.05 -12.73 -14.14
C ARG A 286 13.49 -13.63 -13.05
N GLN A 287 12.36 -14.29 -13.35
CA GLN A 287 11.79 -15.30 -12.47
C GLN A 287 11.50 -14.78 -11.06
N1 A1D84 B . -0.42 -0.30 9.99
N3 A1D84 B . -4.37 -6.21 5.43
C4 A1D84 B . -2.51 -3.32 7.84
C5 A1D84 B . -3.49 -2.92 6.90
C6 A1D84 B . -4.13 -3.92 6.12
C7 A1D84 B . -1.78 -2.26 8.66
C8 A1D84 B . -1.20 -2.53 9.89
C10 A1D84 B . -0.93 -0.02 8.81
C13 A1D84 B . -6.58 -3.48 5.44
C15 A1D84 B . -7.08 -2.32 3.39
C17 A1D84 B . -4.77 -2.77 3.96
C20 A1D84 B . -1.22 3.02 6.74
C21 A1D84 B . -0.97 1.74 6.70
C22 A1D84 B . -2.36 -7.09 7.29
C24 A1D84 B . -7.08 -4.18 6.73
C1 A1D84 B . -3.77 -5.23 6.22
C2 A1D84 B . -2.76 -5.61 7.15
C3 A1D84 B . -2.15 -4.65 7.96
C9 A1D84 B . -0.52 -1.50 10.56
C11 A1D84 B . -1.63 -0.97 8.08
C12 A1D84 B . -5.19 -3.41 5.14
C14 A1D84 B . -7.49 -2.96 4.58
C16 A1D84 B . -5.69 -2.24 3.10
N2 A1D84 B . -0.75 1.33 8.26
C18 A1D84 B . 0.00 2.28 8.75
C19 A1D84 B . -0.54 3.55 8.03
N4 A1D84 B . -1.16 -7.38 7.98
O1 A1D84 B . -3.06 -8.01 6.83
O2 A1D84 B . -5.26 -1.59 1.89
C23 A1D84 B . -3.28 -2.68 3.63
N5 A1D84 B . -0.67 3.69 5.51
#